data_8V6T
#
_entry.id   8V6T
#
_cell.length_a   72.931
_cell.length_b   72.931
_cell.length_c   217.541
_cell.angle_alpha   90.000
_cell.angle_beta   90.000
_cell.angle_gamma   90.000
#
_symmetry.space_group_name_H-M   'P 43 21 2'
#
loop_
_entity.id
_entity.type
_entity.pdbx_description
1 polymer 'Molecular chaperone Tir'
2 non-polymer 'BROMIDE ION'
3 water water
#
_entity_poly.entity_id   1
_entity_poly.type   'polypeptide(L)'
_entity_poly.pdbx_seq_one_letter_code
;SNAMSYRNKTYVAFASEDIKFYRLMEAWKANEKIDFNFFDAHDLFISRDTSKPETIKRNLRERMKNAKQVVLLGSGNTKR
KGSDGVSFLAHEIDLIVEFNLPVVIANLDGDRTVDKNFIPKPLLDSEHYTVSVSFQPKIIKYALDNYCVNYYSSSNSGSY
LYPTSVYTKLGL
;
_entity_poly.pdbx_strand_id   A,B,C
#
# COMPACT_ATOMS: atom_id res chain seq x y z
N SER A 1 -5.46 -6.76 34.40
CA SER A 1 -6.67 -7.10 33.57
C SER A 1 -6.55 -6.45 32.18
N ASN A 2 -6.52 -5.11 32.14
CA ASN A 2 -6.20 -4.42 30.91
C ASN A 2 -4.70 -4.31 30.67
N ALA A 3 -3.86 -4.53 31.68
CA ALA A 3 -2.43 -4.47 31.45
C ALA A 3 -1.97 -5.77 30.78
N MET A 4 -0.99 -5.65 29.91
CA MET A 4 -0.51 -6.73 29.08
C MET A 4 0.94 -7.01 29.42
N SER A 5 1.27 -8.28 29.52
CA SER A 5 2.67 -8.63 29.74
C SER A 5 3.52 -8.39 28.50
N TYR A 6 4.71 -7.84 28.72
CA TYR A 6 5.70 -7.67 27.66
C TYR A 6 6.04 -9.00 26.98
N ARG A 7 5.99 -10.10 27.70
CA ARG A 7 6.33 -11.40 27.15
C ARG A 7 5.20 -11.97 26.29
N ASN A 8 4.04 -11.33 26.27
CA ASN A 8 2.88 -11.84 25.55
C ASN A 8 2.86 -11.23 24.15
N LYS A 9 3.73 -11.78 23.28
CA LYS A 9 4.06 -11.19 22.00
C LYS A 9 3.32 -11.85 20.82
N THR A 10 2.67 -12.99 21.07
CA THR A 10 2.17 -13.89 20.05
C THR A 10 0.66 -13.85 19.99
N TYR A 11 0.13 -13.47 18.84
CA TYR A 11 -1.28 -13.48 18.52
C TYR A 11 -1.60 -14.77 17.81
N VAL A 12 -2.70 -15.40 18.19
CA VAL A 12 -3.13 -16.63 17.56
C VAL A 12 -4.38 -16.36 16.76
N ALA A 13 -4.34 -16.71 15.49
CA ALA A 13 -5.48 -16.49 14.59
C ALA A 13 -5.97 -17.84 14.08
N PHE A 14 -7.30 -17.98 13.95
CA PHE A 14 -7.87 -19.26 13.54
C PHE A 14 -9.28 -19.00 12.99
N ALA A 15 -9.72 -19.89 12.12
CA ALA A 15 -11.13 -19.91 11.74
C ALA A 15 -12.02 -20.34 12.90
N SER A 16 -13.22 -19.72 12.98
CA SER A 16 -14.14 -20.00 14.08
C SER A 16 -14.49 -21.48 14.17
N GLU A 17 -14.49 -22.18 13.04
CA GLU A 17 -14.77 -23.60 13.03
C GLU A 17 -13.74 -24.40 13.81
N ASP A 18 -12.56 -23.83 14.07
CA ASP A 18 -11.42 -24.52 14.65
C ASP A 18 -11.19 -24.13 16.11
N ILE A 19 -12.21 -23.54 16.74
CA ILE A 19 -12.07 -23.10 18.13
C ILE A 19 -11.64 -24.21 19.06
N LYS A 20 -12.02 -25.47 18.77
CA LYS A 20 -11.63 -26.59 19.63
C LYS A 20 -10.12 -26.68 19.75
N PHE A 21 -9.41 -26.45 18.64
CA PHE A 21 -7.96 -26.54 18.67
C PHE A 21 -7.38 -25.38 19.46
N TYR A 22 -7.98 -24.20 19.37
CA TYR A 22 -7.46 -23.09 20.17
C TYR A 22 -7.67 -23.37 21.67
N ARG A 23 -8.84 -23.88 22.04
CA ARG A 23 -9.06 -24.26 23.45
C ARG A 23 -8.00 -25.26 23.91
N LEU A 24 -7.66 -26.24 23.07
CA LEU A 24 -6.56 -27.15 23.38
C LEU A 24 -5.26 -26.39 23.64
N MET A 25 -4.97 -25.39 22.83
CA MET A 25 -3.79 -24.57 23.08
C MET A 25 -3.89 -23.86 24.42
N GLU A 26 -5.08 -23.37 24.76
CA GLU A 26 -5.26 -22.72 26.04
C GLU A 26 -5.08 -23.72 27.18
N ALA A 27 -5.47 -24.97 26.98
CA ALA A 27 -5.21 -25.99 28.00
C ALA A 27 -3.71 -26.16 28.21
N TRP A 28 -2.95 -26.25 27.13
CA TRP A 28 -1.51 -26.39 27.22
C TRP A 28 -0.89 -25.29 28.07
N LYS A 29 -1.35 -24.05 27.89
CA LYS A 29 -0.82 -22.97 28.70
C LYS A 29 -1.18 -23.16 30.17
N ALA A 30 -2.46 -23.40 30.45
CA ALA A 30 -2.89 -23.58 31.84
C ALA A 30 -2.24 -24.78 32.50
N ASN A 31 -1.96 -25.85 31.75
CA ASN A 31 -1.26 -27.02 32.28
C ASN A 31 0.23 -26.99 31.98
N GLU A 32 0.76 -25.84 31.58
CA GLU A 32 2.20 -25.65 31.42
C GLU A 32 2.82 -26.66 30.47
N LYS A 33 2.07 -27.16 29.50
CA LYS A 33 2.72 -27.87 28.40
C LYS A 33 3.37 -26.91 27.40
N ILE A 34 3.13 -25.61 27.50
CA ILE A 34 3.80 -24.65 26.64
C ILE A 34 4.59 -23.65 27.48
N ASP A 35 5.59 -23.07 26.85
CA ASP A 35 6.58 -22.18 27.43
C ASP A 35 6.52 -20.80 26.79
N PHE A 36 5.33 -20.37 26.40
CA PHE A 36 5.12 -19.04 25.85
C PHE A 36 3.70 -18.62 26.14
N ASN A 37 3.50 -17.32 26.27
CA ASN A 37 2.17 -16.75 26.40
C ASN A 37 1.70 -16.32 25.02
N PHE A 38 0.38 -16.13 24.89
CA PHE A 38 -0.19 -15.70 23.63
C PHE A 38 -1.50 -15.03 23.93
N PHE A 39 -2.01 -14.29 22.94
CA PHE A 39 -3.33 -13.71 23.06
C PHE A 39 -4.06 -13.84 21.72
N ASP A 40 -5.27 -13.34 21.67
CA ASP A 40 -6.16 -13.58 20.54
C ASP A 40 -7.23 -12.50 20.54
N ALA A 41 -8.16 -12.61 19.58
CA ALA A 41 -9.29 -11.70 19.53
C ALA A 41 -10.64 -12.42 19.56
N HIS A 42 -10.68 -13.64 20.09
CA HIS A 42 -11.92 -14.40 20.04
C HIS A 42 -13.01 -13.74 20.88
N ASP A 43 -12.62 -12.98 21.90
CA ASP A 43 -13.59 -12.21 22.66
C ASP A 43 -14.35 -11.24 21.76
N LEU A 44 -13.66 -10.59 20.83
CA LEU A 44 -14.34 -9.68 19.92
C LEU A 44 -15.26 -10.46 18.99
N PHE A 45 -14.84 -11.65 18.58
CA PHE A 45 -15.71 -12.47 17.75
C PHE A 45 -16.97 -12.85 18.51
N ILE A 46 -16.83 -13.20 19.78
CA ILE A 46 -18.00 -13.62 20.55
C ILE A 46 -19.01 -12.48 20.67
N SER A 47 -18.53 -11.26 20.83
CA SER A 47 -19.36 -10.10 21.02
C SER A 47 -19.91 -9.54 19.74
N ARG A 48 -19.98 -10.34 18.67
CA ARG A 48 -20.44 -9.81 17.39
C ARG A 48 -21.94 -9.58 17.40
N ASP A 49 -22.67 -10.35 18.21
CA ASP A 49 -24.13 -10.21 18.26
C ASP A 49 -24.56 -8.92 18.96
N THR A 50 -23.73 -8.39 19.85
CA THR A 50 -23.99 -7.13 20.54
C THR A 50 -23.16 -5.98 20.00
N SER A 51 -22.51 -6.14 18.85
CA SER A 51 -21.67 -5.11 18.28
C SER A 51 -21.89 -5.02 16.78
N LYS A 52 -21.82 -3.80 16.26
CA LYS A 52 -21.88 -3.56 14.82
C LYS A 52 -20.57 -3.96 14.14
N PRO A 53 -20.64 -4.43 12.89
CA PRO A 53 -19.42 -4.85 12.19
C PRO A 53 -18.32 -3.80 12.17
N GLU A 54 -18.67 -2.52 11.95
CA GLU A 54 -17.64 -1.49 11.91
C GLU A 54 -16.95 -1.33 13.26
N THR A 55 -17.66 -1.64 14.36
CA THR A 55 -17.05 -1.57 15.68
C THR A 55 -16.10 -2.74 15.90
N ILE A 56 -16.52 -3.93 15.48
CA ILE A 56 -15.64 -5.09 15.59
C ILE A 56 -14.39 -4.87 14.77
N LYS A 57 -14.52 -4.30 13.56
CA LYS A 57 -13.36 -4.06 12.71
C LYS A 57 -12.36 -3.11 13.37
N ARG A 58 -12.84 -2.04 13.97
CA ARG A 58 -11.93 -1.10 14.64
C ARG A 58 -11.29 -1.76 15.85
N ASN A 59 -12.07 -2.50 16.64
CA ASN A 59 -11.52 -3.15 17.83
C ASN A 59 -10.48 -4.19 17.45
N LEU A 60 -10.69 -4.88 16.33
CA LEU A 60 -9.73 -5.87 15.88
C LEU A 60 -8.43 -5.23 15.45
N ARG A 61 -8.52 -4.17 14.64
CA ARG A 61 -7.31 -3.44 14.27
C ARG A 61 -6.56 -3.01 15.51
N GLU A 62 -7.30 -2.48 16.50
CA GLU A 62 -6.64 -2.03 17.72
C GLU A 62 -5.92 -3.17 18.40
N ARG A 63 -6.58 -4.34 18.47
CA ARG A 63 -6.02 -5.49 19.18
C ARG A 63 -4.74 -5.96 18.52
N MET A 64 -4.73 -6.06 17.18
CA MET A 64 -3.61 -6.58 16.43
C MET A 64 -2.40 -5.66 16.41
N LYS A 65 -2.58 -4.37 16.70
CA LYS A 65 -1.43 -3.48 16.75
C LYS A 65 -0.47 -3.84 17.88
N ASN A 66 -0.91 -4.63 18.85
CA ASN A 66 -0.07 -5.08 19.95
C ASN A 66 0.70 -6.36 19.67
N ALA A 67 0.40 -7.07 18.59
CA ALA A 67 1.10 -8.30 18.24
C ALA A 67 2.48 -8.03 17.64
N LYS A 68 3.42 -8.89 17.99
CA LYS A 68 4.73 -8.92 17.37
C LYS A 68 4.91 -10.07 16.37
N GLN A 69 4.08 -11.11 16.47
CA GLN A 69 4.20 -12.31 15.66
C GLN A 69 2.87 -13.05 15.78
N VAL A 70 2.63 -13.97 14.84
CA VAL A 70 1.34 -14.63 14.69
C VAL A 70 1.55 -16.14 14.60
N VAL A 71 0.72 -16.88 15.30
CA VAL A 71 0.57 -18.30 15.08
C VAL A 71 -0.78 -18.46 14.41
N LEU A 72 -0.77 -18.98 13.18
CA LEU A 72 -1.99 -19.23 12.43
C LEU A 72 -2.27 -20.72 12.43
N LEU A 73 -3.41 -21.10 12.99
CA LEU A 73 -3.83 -22.50 13.01
C LEU A 73 -4.29 -22.87 11.61
N GLY A 74 -3.69 -23.91 11.04
CA GLY A 74 -3.85 -24.25 9.64
C GLY A 74 -4.75 -25.47 9.45
N SER A 75 -5.79 -25.28 8.64
CA SER A 75 -6.72 -26.31 8.23
C SER A 75 -7.39 -25.81 6.94
N GLY A 76 -8.27 -26.64 6.39
CA GLY A 76 -9.02 -26.23 5.24
C GLY A 76 -9.95 -25.08 5.55
N ASN A 77 -10.44 -25.02 6.78
CA ASN A 77 -11.27 -23.89 7.19
C ASN A 77 -10.44 -22.61 7.23
N THR A 78 -9.16 -22.69 7.58
CA THR A 78 -8.32 -21.50 7.56
C THR A 78 -8.29 -20.89 6.16
N LYS A 79 -8.06 -21.73 5.15
CA LYS A 79 -7.96 -21.24 3.77
C LYS A 79 -9.28 -20.65 3.30
N ARG A 80 -10.39 -21.34 3.55
CA ARG A 80 -11.70 -20.90 3.06
C ARG A 80 -12.10 -19.58 3.72
N LYS A 81 -12.17 -19.56 5.03
CA LYS A 81 -12.55 -18.35 5.74
C LYS A 81 -11.53 -17.24 5.51
N GLY A 82 -10.23 -17.58 5.53
CA GLY A 82 -9.19 -16.58 5.48
C GLY A 82 -9.08 -15.93 4.11
N SER A 83 -9.66 -16.57 3.07
CA SER A 83 -9.61 -16.07 1.70
C SER A 83 -10.91 -15.47 1.21
N ASP A 84 -11.96 -15.39 2.04
CA ASP A 84 -13.28 -15.07 1.51
C ASP A 84 -13.64 -13.60 1.61
N GLY A 85 -12.78 -12.77 2.21
CA GLY A 85 -12.92 -11.33 2.17
C GLY A 85 -13.97 -10.73 3.09
N VAL A 86 -14.65 -11.54 3.90
CA VAL A 86 -15.73 -11.00 4.71
C VAL A 86 -15.67 -11.52 6.13
N SER A 87 -15.10 -12.70 6.31
CA SER A 87 -15.18 -13.34 7.62
C SER A 87 -14.28 -12.61 8.63
N PHE A 88 -14.45 -12.99 9.90
CA PHE A 88 -13.60 -12.44 10.94
C PHE A 88 -12.13 -12.76 10.66
N LEU A 89 -11.83 -14.00 10.29
CA LEU A 89 -10.45 -14.38 10.00
C LEU A 89 -9.90 -13.62 8.79
N ALA A 90 -10.74 -13.43 7.76
CA ALA A 90 -10.32 -12.68 6.59
C ALA A 90 -9.84 -11.28 6.98
N HIS A 91 -10.52 -10.65 7.94
CA HIS A 91 -10.08 -9.33 8.41
C HIS A 91 -8.77 -9.43 9.20
N GLU A 92 -8.63 -10.45 10.03
CA GLU A 92 -7.35 -10.67 10.71
C GLU A 92 -6.24 -10.81 9.70
N ILE A 93 -6.44 -11.65 8.67
CA ILE A 93 -5.40 -11.91 7.69
C ILE A 93 -5.01 -10.63 6.99
N ASP A 94 -6.00 -9.79 6.65
CA ASP A 94 -5.68 -8.53 6.00
C ASP A 94 -4.77 -7.68 6.89
N LEU A 95 -5.03 -7.63 8.20
CA LEU A 95 -4.18 -6.83 9.10
C LEU A 95 -2.81 -7.47 9.23
N ILE A 96 -2.76 -8.80 9.30
CA ILE A 96 -1.49 -9.49 9.47
C ILE A 96 -0.57 -9.19 8.28
N VAL A 97 -1.14 -9.08 7.09
CA VAL A 97 -0.36 -8.75 5.91
C VAL A 97 0.01 -7.27 5.93
N GLU A 98 -0.95 -6.40 6.25
CA GLU A 98 -0.69 -4.97 6.28
C GLU A 98 0.39 -4.63 7.29
N PHE A 99 0.37 -5.25 8.47
CA PHE A 99 1.35 -4.94 9.50
C PHE A 99 2.67 -5.69 9.33
N ASN A 100 2.81 -6.50 8.29
CA ASN A 100 4.05 -7.19 7.98
C ASN A 100 4.56 -8.02 9.17
N LEU A 101 3.69 -8.84 9.74
CA LEU A 101 4.09 -9.65 10.88
C LEU A 101 4.56 -11.02 10.43
N PRO A 102 5.52 -11.60 11.14
CA PRO A 102 5.87 -13.00 10.88
C PRO A 102 4.72 -13.93 11.24
N VAL A 103 4.57 -14.98 10.46
CA VAL A 103 3.51 -15.95 10.66
C VAL A 103 4.10 -17.35 10.71
N VAL A 104 3.82 -18.06 11.80
CA VAL A 104 4.01 -19.50 11.92
C VAL A 104 2.67 -20.16 11.66
N ILE A 105 2.58 -20.94 10.59
CA ILE A 105 1.39 -21.75 10.34
C ILE A 105 1.56 -23.09 11.04
N ALA A 106 0.67 -23.37 11.98
CA ALA A 106 0.69 -24.65 12.69
C ALA A 106 -0.37 -25.55 12.05
N ASN A 107 0.07 -26.55 11.31
CA ASN A 107 -0.87 -27.43 10.60
C ASN A 107 -1.58 -28.33 11.60
N LEU A 108 -2.91 -28.24 11.64
CA LEU A 108 -3.67 -28.89 12.69
C LEU A 108 -3.79 -30.40 12.46
N ASP A 109 -3.43 -30.90 11.30
CA ASP A 109 -3.40 -32.33 11.07
C ASP A 109 -2.03 -32.93 11.35
N GLY A 110 -1.07 -32.17 11.84
CA GLY A 110 0.27 -32.64 12.14
C GLY A 110 1.25 -32.70 10.98
N ASP A 111 0.86 -32.22 9.81
CA ASP A 111 1.76 -32.10 8.65
C ASP A 111 2.97 -31.26 9.02
N ARG A 112 4.16 -31.83 8.87
CA ARG A 112 5.39 -31.06 9.13
C ARG A 112 5.95 -30.38 7.89
N THR A 113 5.19 -30.34 6.79
CA THR A 113 5.62 -29.65 5.57
C THR A 113 4.74 -28.41 5.35
N VAL A 114 4.97 -27.74 4.23
CA VAL A 114 4.10 -26.65 3.83
C VAL A 114 2.86 -27.23 3.17
N ASP A 115 1.69 -26.83 3.65
CA ASP A 115 0.43 -27.11 2.97
C ASP A 115 -0.18 -25.77 2.60
N LYS A 116 -0.02 -25.37 1.34
CA LYS A 116 -0.56 -24.11 0.89
C LYS A 116 -2.06 -24.12 0.89
N ASN A 117 -2.69 -25.29 0.93
CA ASN A 117 -4.14 -25.37 0.96
C ASN A 117 -4.69 -25.14 2.36
N PHE A 118 -3.82 -24.87 3.33
CA PHE A 118 -4.21 -24.37 4.63
C PHE A 118 -3.91 -22.88 4.82
N ILE A 119 -3.26 -22.24 3.86
CA ILE A 119 -2.78 -20.88 4.03
C ILE A 119 -3.68 -19.92 3.27
N PRO A 120 -4.27 -18.93 3.92
CA PRO A 120 -5.10 -17.96 3.19
C PRO A 120 -4.42 -17.33 1.98
N LYS A 121 -5.24 -17.11 0.95
CA LYS A 121 -4.69 -16.55 -0.29
C LYS A 121 -4.03 -15.20 -0.12
N PRO A 122 -4.55 -14.24 0.64
CA PRO A 122 -3.83 -12.95 0.77
C PRO A 122 -2.43 -13.10 1.35
N LEU A 123 -2.22 -14.05 2.26
CA LEU A 123 -0.89 -14.24 2.82
C LEU A 123 0.06 -14.86 1.79
N LEU A 124 -0.43 -15.87 1.05
CA LEU A 124 0.36 -16.38 -0.07
C LEU A 124 0.64 -15.29 -1.11
N ASP A 125 -0.39 -14.51 -1.48
CA ASP A 125 -0.19 -13.47 -2.51
C ASP A 125 0.79 -12.40 -2.05
N SER A 126 0.87 -12.14 -0.74
CA SER A 126 1.82 -11.14 -0.27
C SER A 126 3.27 -11.56 -0.49
N GLU A 127 3.51 -12.86 -0.68
CA GLU A 127 4.84 -13.42 -0.76
C GLU A 127 5.65 -13.22 0.52
N HIS A 128 5.01 -12.89 1.64
CA HIS A 128 5.77 -12.80 2.89
C HIS A 128 6.37 -14.16 3.29
N TYR A 129 7.55 -14.09 3.86
CA TYR A 129 8.25 -15.25 4.43
C TYR A 129 7.47 -15.79 5.62
N THR A 130 7.11 -17.09 5.55
CA THR A 130 6.40 -17.79 6.60
C THR A 130 7.07 -19.13 6.86
N VAL A 131 6.75 -19.74 7.99
CA VAL A 131 7.16 -21.12 8.24
C VAL A 131 5.94 -21.91 8.68
N SER A 132 5.88 -23.17 8.22
CA SER A 132 4.81 -24.11 8.52
C SER A 132 5.40 -25.23 9.37
N VAL A 133 4.71 -25.58 10.45
CA VAL A 133 5.16 -26.59 11.39
C VAL A 133 3.93 -27.40 11.82
N SER A 134 4.19 -28.55 12.42
CA SER A 134 3.09 -29.30 13.02
C SER A 134 2.53 -28.54 14.21
N PHE A 135 1.27 -28.85 14.54
CA PHE A 135 0.59 -28.31 15.73
C PHE A 135 1.06 -29.07 16.96
N GLN A 136 2.26 -28.70 17.45
CA GLN A 136 2.92 -29.34 18.58
C GLN A 136 3.66 -28.23 19.34
N PRO A 137 3.55 -28.21 20.66
CA PRO A 137 4.09 -27.05 21.40
C PRO A 137 5.56 -26.76 21.14
N LYS A 138 6.41 -27.78 21.12
CA LYS A 138 7.86 -27.51 21.09
C LYS A 138 8.33 -26.97 19.74
N ILE A 139 7.76 -27.44 18.63
CA ILE A 139 8.15 -26.87 17.33
C ILE A 139 7.58 -25.46 17.16
N ILE A 140 6.39 -25.21 17.67
CA ILE A 140 5.86 -23.85 17.61
C ILE A 140 6.79 -22.89 18.34
N LYS A 141 7.21 -23.28 19.55
CA LYS A 141 8.08 -22.38 20.30
C LYS A 141 9.41 -22.19 19.57
N TYR A 142 9.95 -23.27 19.00
CA TYR A 142 11.19 -23.14 18.22
C TYR A 142 11.02 -22.11 17.11
N ALA A 143 9.89 -22.15 16.42
CA ALA A 143 9.63 -21.20 15.34
C ALA A 143 9.50 -19.77 15.88
N LEU A 144 8.85 -19.60 17.05
CA LEU A 144 8.78 -18.27 17.63
C LEU A 144 10.16 -17.74 18.01
N ASP A 145 11.06 -18.63 18.46
CA ASP A 145 12.37 -18.24 18.91
C ASP A 145 13.37 -18.08 17.78
N ASN A 146 13.07 -18.59 16.59
CA ASN A 146 14.04 -18.57 15.51
C ASN A 146 13.47 -17.84 14.30
N TYR A 147 12.64 -18.53 13.50
CA TYR A 147 12.00 -17.88 12.36
C TYR A 147 11.49 -16.48 12.69
N CYS A 148 10.68 -16.33 13.76
CA CYS A 148 10.04 -15.04 14.00
C CYS A 148 11.06 -13.97 14.32
N VAL A 149 12.13 -14.33 15.04
CA VAL A 149 13.20 -13.38 15.37
C VAL A 149 13.97 -12.98 14.11
N ASN A 150 14.18 -13.94 13.19
CA ASN A 150 14.96 -13.73 11.97
C ASN A 150 14.13 -13.20 10.79
N TYR A 151 12.82 -13.04 10.96
CA TYR A 151 11.95 -12.68 9.84
C TYR A 151 12.40 -11.44 9.12
N TYR A 152 12.69 -10.38 9.85
CA TYR A 152 12.95 -9.10 9.20
C TYR A 152 14.33 -9.03 8.54
N SER A 153 15.33 -9.67 9.14
CA SER A 153 16.66 -9.66 8.55
C SER A 153 16.81 -10.66 7.41
N SER A 154 15.91 -11.64 7.29
CA SER A 154 16.08 -12.66 6.25
C SER A 154 15.75 -12.10 4.87
N SER A 155 16.45 -12.61 3.87
CA SER A 155 16.15 -12.28 2.48
C SER A 155 15.16 -13.26 1.87
N ASN A 156 14.70 -14.24 2.63
CA ASN A 156 13.78 -15.24 2.08
C ASN A 156 12.37 -14.65 1.87
N SER A 157 11.64 -15.29 0.98
CA SER A 157 10.25 -14.97 0.70
C SER A 157 9.46 -16.29 0.59
N GLY A 158 8.16 -16.20 0.79
CA GLY A 158 7.30 -17.36 0.57
C GLY A 158 7.36 -18.40 1.69
N SER A 159 6.83 -19.58 1.38
CA SER A 159 6.48 -20.55 2.42
C SER A 159 7.63 -21.54 2.69
N TYR A 160 8.13 -21.57 3.92
CA TYR A 160 9.19 -22.51 4.35
C TYR A 160 8.66 -23.53 5.36
N LEU A 161 9.42 -24.63 5.51
CA LEU A 161 9.24 -25.62 6.55
C LEU A 161 10.55 -25.71 7.32
N TYR A 162 10.53 -26.46 8.43
CA TYR A 162 11.76 -26.80 9.16
C TYR A 162 12.17 -28.23 8.80
N PRO A 163 13.47 -28.47 8.60
CA PRO A 163 13.92 -29.82 8.21
C PRO A 163 13.79 -30.83 9.35
N THR A 164 13.96 -32.09 9.00
CA THR A 164 13.69 -33.17 9.95
C THR A 164 14.63 -33.10 11.17
N SER A 165 15.87 -32.62 10.98
CA SER A 165 16.80 -32.54 12.12
C SER A 165 16.29 -31.65 13.23
N VAL A 166 15.54 -30.59 12.91
CA VAL A 166 14.99 -29.74 13.96
C VAL A 166 14.00 -30.51 14.80
N TYR A 167 13.11 -31.27 14.15
CA TYR A 167 12.16 -32.08 14.91
C TYR A 167 12.88 -33.13 15.76
N THR A 168 13.88 -33.78 15.20
CA THR A 168 14.62 -34.79 15.95
C THR A 168 15.30 -34.18 17.17
N LYS A 169 15.93 -33.03 17.00
CA LYS A 169 16.66 -32.51 18.13
C LYS A 169 15.73 -32.05 19.23
N LEU A 170 14.49 -31.73 18.91
CA LEU A 170 13.50 -31.37 19.90
C LEU A 170 12.82 -32.58 20.52
N GLY A 171 13.28 -33.77 20.17
CA GLY A 171 12.64 -34.98 20.66
C GLY A 171 11.31 -35.31 20.04
N LEU A 172 10.99 -34.68 18.91
CA LEU A 172 9.75 -34.96 18.20
C LEU A 172 9.93 -35.97 17.07
N LYS B 9 27.74 16.32 -3.44
CA LYS B 9 26.86 17.46 -3.27
C LYS B 9 25.51 17.20 -3.95
N THR B 10 25.08 15.93 -3.98
CA THR B 10 23.82 15.54 -4.59
C THR B 10 22.76 15.38 -3.51
N TYR B 11 21.72 16.18 -3.59
CA TYR B 11 20.64 16.22 -2.64
C TYR B 11 19.44 15.46 -3.17
N VAL B 12 18.91 14.52 -2.36
CA VAL B 12 17.72 13.74 -2.73
C VAL B 12 16.50 14.31 -2.01
N ALA B 13 15.47 14.62 -2.79
CA ALA B 13 14.18 15.05 -2.28
C ALA B 13 13.09 14.07 -2.70
N PHE B 14 12.11 13.89 -1.85
CA PHE B 14 11.00 12.99 -2.14
C PHE B 14 9.81 13.39 -1.29
N ALA B 15 8.64 12.97 -1.74
CA ALA B 15 7.44 13.04 -0.92
C ALA B 15 7.53 12.01 0.22
N SER B 16 7.03 12.39 1.39
CA SER B 16 7.10 11.49 2.55
C SER B 16 6.42 10.16 2.26
N GLU B 17 5.34 10.20 1.46
CA GLU B 17 4.66 8.99 1.04
C GLU B 17 5.56 7.97 0.36
N ASP B 18 6.66 8.44 -0.25
CA ASP B 18 7.51 7.59 -1.07
C ASP B 18 8.79 7.15 -0.36
N ILE B 19 8.77 7.18 0.96
CA ILE B 19 9.98 6.89 1.71
C ILE B 19 10.53 5.51 1.37
N LYS B 20 9.68 4.55 1.00
CA LYS B 20 10.21 3.22 0.69
C LYS B 20 11.23 3.29 -0.45
N PHE B 21 11.00 4.16 -1.44
CA PHE B 21 11.95 4.23 -2.55
C PHE B 21 13.26 4.87 -2.11
N TYR B 22 13.20 5.86 -1.20
CA TYR B 22 14.45 6.41 -0.69
C TYR B 22 15.26 5.35 0.03
N ARG B 23 14.59 4.50 0.81
CA ARG B 23 15.30 3.47 1.57
C ARG B 23 15.99 2.49 0.63
N LEU B 24 15.40 2.23 -0.54
CA LEU B 24 16.10 1.46 -1.55
C LEU B 24 17.38 2.17 -2.00
N MET B 25 17.33 3.49 -2.15
CA MET B 25 18.53 4.23 -2.53
C MET B 25 19.60 4.12 -1.45
N GLU B 26 19.20 4.31 -0.19
CA GLU B 26 20.12 4.10 0.91
C GLU B 26 20.75 2.72 0.83
N ALA B 27 19.97 1.72 0.40
CA ALA B 27 20.53 0.38 0.26
C ALA B 27 21.54 0.33 -0.86
N TRP B 28 21.27 1.02 -1.97
CA TRP B 28 22.27 1.13 -3.02
C TRP B 28 23.58 1.67 -2.47
N LYS B 29 23.52 2.71 -1.67
CA LYS B 29 24.73 3.34 -1.17
C LYS B 29 25.46 2.41 -0.22
N ALA B 30 24.73 1.81 0.71
CA ALA B 30 25.34 0.93 1.70
C ALA B 30 25.98 -0.27 1.03
N ASN B 31 25.26 -0.91 0.11
CA ASN B 31 25.71 -2.10 -0.58
C ASN B 31 26.69 -1.81 -1.72
N GLU B 32 27.29 -0.62 -1.78
CA GLU B 32 28.31 -0.32 -2.80
C GLU B 32 27.82 -0.66 -4.21
N LYS B 33 26.50 -0.74 -4.38
CA LYS B 33 25.90 -1.07 -5.67
C LYS B 33 25.92 0.10 -6.65
N ILE B 34 26.50 1.24 -6.25
CA ILE B 34 26.46 2.45 -7.08
C ILE B 34 27.74 3.23 -6.84
N ASP B 35 28.00 4.16 -7.75
CA ASP B 35 29.22 4.94 -7.73
C ASP B 35 28.93 6.43 -7.56
N PHE B 36 27.95 6.77 -6.73
CA PHE B 36 27.74 8.16 -6.36
C PHE B 36 27.23 8.25 -4.93
N ASN B 37 27.59 9.35 -4.29
CA ASN B 37 27.14 9.70 -2.96
C ASN B 37 25.95 10.67 -3.04
N PHE B 38 25.24 10.79 -1.93
CA PHE B 38 24.16 11.77 -1.83
C PHE B 38 23.83 12.04 -0.38
N PHE B 39 23.15 13.15 -0.14
CA PHE B 39 22.61 13.51 1.18
C PHE B 39 21.16 13.93 1.03
N ASP B 40 20.49 14.12 2.17
CA ASP B 40 19.06 14.45 2.20
C ASP B 40 18.79 15.30 3.43
N ALA B 41 17.56 15.72 3.58
CA ALA B 41 17.14 16.46 4.78
C ALA B 41 16.06 15.70 5.55
N HIS B 42 16.02 14.37 5.39
CA HIS B 42 14.95 13.64 6.05
C HIS B 42 15.08 13.70 7.57
N ASP B 43 16.31 13.86 8.08
CA ASP B 43 16.49 14.14 9.52
C ASP B 43 15.72 15.39 9.96
N LEU B 44 15.65 16.42 9.10
CA LEU B 44 14.86 17.59 9.46
C LEU B 44 13.38 17.31 9.42
N PHE B 45 12.92 16.56 8.41
CA PHE B 45 11.52 16.16 8.36
C PHE B 45 11.08 15.49 9.66
N ILE B 46 11.91 14.58 10.16
CA ILE B 46 11.56 13.85 11.40
C ILE B 46 11.39 14.82 12.57
N SER B 47 12.20 15.89 12.62
CA SER B 47 12.21 16.82 13.76
C SER B 47 11.04 17.79 13.72
N ARG B 48 10.14 17.65 12.75
CA ARG B 48 8.99 18.53 12.69
C ARG B 48 8.10 18.40 13.89
N ASP B 49 8.19 17.30 14.64
CA ASP B 49 7.38 17.15 15.85
C ASP B 49 8.00 17.87 17.05
N THR B 50 9.21 18.39 16.94
CA THR B 50 9.87 19.02 18.07
C THR B 50 10.43 20.40 17.77
N SER B 51 10.69 20.74 16.52
CA SER B 51 11.22 22.05 16.17
C SER B 51 10.09 22.93 15.63
N LYS B 52 10.24 24.25 15.78
CA LYS B 52 9.29 25.17 15.19
C LYS B 52 9.37 25.09 13.66
N PRO B 53 8.26 25.32 12.96
CA PRO B 53 8.33 25.37 11.49
C PRO B 53 9.41 26.30 10.97
N GLU B 54 9.54 27.51 11.55
CA GLU B 54 10.54 28.45 11.04
C GLU B 54 11.94 27.88 11.17
N THR B 55 12.19 27.08 12.23
CA THR B 55 13.49 26.43 12.40
C THR B 55 13.74 25.40 11.30
N ILE B 56 12.72 24.58 10.99
CA ILE B 56 12.83 23.60 9.92
C ILE B 56 13.11 24.29 8.59
N LYS B 57 12.32 25.32 8.29
CA LYS B 57 12.43 25.95 6.98
C LYS B 57 13.79 26.60 6.81
N ARG B 58 14.30 27.27 7.86
CA ARG B 58 15.62 27.88 7.77
C ARG B 58 16.73 26.83 7.61
N ASN B 59 16.64 25.73 8.36
CA ASN B 59 17.65 24.68 8.23
C ASN B 59 17.62 24.01 6.88
N LEU B 60 16.42 23.88 6.29
CA LEU B 60 16.33 23.38 4.93
C LEU B 60 17.07 24.28 3.97
N ARG B 61 16.83 25.60 4.07
CA ARG B 61 17.52 26.56 3.21
C ARG B 61 19.03 26.43 3.40
N GLU B 62 19.49 26.30 4.64
CA GLU B 62 20.93 26.13 4.85
C GLU B 62 21.42 24.81 4.28
N ARG B 63 20.63 23.74 4.40
CA ARG B 63 21.08 22.43 3.91
C ARG B 63 21.17 22.45 2.40
N MET B 64 20.19 23.02 1.73
CA MET B 64 20.16 22.97 0.26
C MET B 64 21.11 23.98 -0.37
N LYS B 65 21.60 24.96 0.38
CA LYS B 65 22.60 25.87 -0.16
C LYS B 65 23.91 25.15 -0.40
N ASN B 66 24.13 24.01 0.22
CA ASN B 66 25.32 23.21 -0.05
C ASN B 66 25.16 22.18 -1.16
N ALA B 67 24.02 22.14 -1.82
CA ALA B 67 23.78 21.17 -2.87
C ALA B 67 24.25 21.73 -4.20
N LYS B 68 24.81 20.88 -5.05
CA LYS B 68 25.10 21.25 -6.44
C LYS B 68 24.01 20.79 -7.42
N GLN B 69 23.30 19.71 -7.10
CA GLN B 69 22.17 19.27 -7.92
C GLN B 69 21.24 18.43 -7.07
N VAL B 70 20.02 18.26 -7.55
CA VAL B 70 18.99 17.53 -6.83
C VAL B 70 18.50 16.34 -7.65
N VAL B 71 18.35 15.20 -6.98
CA VAL B 71 17.59 14.06 -7.50
C VAL B 71 16.24 14.06 -6.80
N LEU B 72 15.20 14.24 -7.57
CA LEU B 72 13.84 14.31 -7.06
C LEU B 72 13.13 13.02 -7.45
N LEU B 73 12.63 12.30 -6.47
CA LEU B 73 11.96 11.03 -6.78
C LEU B 73 10.56 11.35 -7.26
N GLY B 74 10.21 10.84 -8.44
CA GLY B 74 9.00 11.23 -9.13
C GLY B 74 7.86 10.23 -9.04
N SER B 75 6.72 10.74 -8.59
CA SER B 75 5.50 9.96 -8.49
C SER B 75 4.36 10.95 -8.46
N GLY B 76 3.13 10.43 -8.44
CA GLY B 76 1.98 11.30 -8.22
C GLY B 76 2.01 12.05 -6.90
N ASN B 77 2.62 11.46 -5.87
CA ASN B 77 2.70 12.14 -4.58
C ASN B 77 3.66 13.32 -4.66
N THR B 78 4.73 13.16 -5.44
CA THR B 78 5.67 14.25 -5.69
C THR B 78 4.93 15.48 -6.17
N LYS B 79 4.02 15.29 -7.13
CA LYS B 79 3.34 16.44 -7.69
C LYS B 79 2.35 17.05 -6.71
N ARG B 80 1.55 16.23 -6.03
CA ARG B 80 0.63 16.77 -5.03
C ARG B 80 1.37 17.50 -3.92
N LYS B 81 2.36 16.84 -3.30
CA LYS B 81 3.02 17.43 -2.16
C LYS B 81 3.90 18.59 -2.58
N GLY B 82 4.57 18.43 -3.73
CA GLY B 82 5.53 19.43 -4.17
C GLY B 82 4.88 20.69 -4.68
N SER B 83 3.57 20.65 -4.95
CA SER B 83 2.83 21.77 -5.48
C SER B 83 1.98 22.49 -4.44
N ASP B 84 1.91 21.98 -3.23
CA ASP B 84 0.92 22.49 -2.30
C ASP B 84 1.40 23.68 -1.48
N GLY B 85 2.65 24.13 -1.64
CA GLY B 85 3.12 25.33 -0.99
C GLY B 85 3.33 25.27 0.50
N VAL B 86 3.03 24.14 1.16
CA VAL B 86 3.09 24.04 2.62
C VAL B 86 3.86 22.82 3.14
N SER B 87 3.94 21.77 2.34
CA SER B 87 4.58 20.56 2.83
C SER B 87 6.10 20.70 2.81
N PHE B 88 6.75 19.76 3.49
CA PHE B 88 8.21 19.74 3.49
C PHE B 88 8.76 19.67 2.07
N LEU B 89 8.20 18.78 1.24
CA LEU B 89 8.70 18.72 -0.13
C LEU B 89 8.45 20.04 -0.87
N ALA B 90 7.30 20.67 -0.64
CA ALA B 90 7.03 21.94 -1.30
C ALA B 90 8.10 22.96 -0.96
N HIS B 91 8.60 22.93 0.28
CA HIS B 91 9.68 23.86 0.65
C HIS B 91 10.92 23.54 -0.15
N GLU B 92 11.24 22.24 -0.28
CA GLU B 92 12.39 21.83 -1.08
C GLU B 92 12.23 22.30 -2.54
N ILE B 93 11.02 22.15 -3.10
CA ILE B 93 10.78 22.58 -4.47
C ILE B 93 10.98 24.09 -4.59
N ASP B 94 10.42 24.87 -3.65
CA ASP B 94 10.61 26.31 -3.67
C ASP B 94 12.08 26.67 -3.72
N LEU B 95 12.93 25.92 -2.99
CA LEU B 95 14.35 26.19 -2.94
C LEU B 95 15.09 25.77 -4.20
N ILE B 96 14.64 24.73 -4.85
CA ILE B 96 15.15 24.42 -6.18
C ILE B 96 14.95 25.61 -7.12
N VAL B 97 13.73 26.16 -7.14
CA VAL B 97 13.46 27.27 -8.03
C VAL B 97 14.22 28.51 -7.59
N GLU B 98 14.24 28.78 -6.28
CA GLU B 98 14.93 29.97 -5.78
C GLU B 98 16.43 29.89 -6.03
N PHE B 99 17.02 28.71 -5.86
CA PHE B 99 18.46 28.55 -5.96
C PHE B 99 18.94 28.07 -7.35
N ASN B 100 18.09 27.93 -8.33
CA ASN B 100 18.58 27.61 -9.67
C ASN B 100 19.35 26.28 -9.70
N LEU B 101 18.76 25.25 -9.08
CA LEU B 101 19.49 24.00 -8.96
C LEU B 101 19.11 23.04 -10.09
N PRO B 102 20.06 22.32 -10.66
CA PRO B 102 19.70 21.22 -11.57
C PRO B 102 18.84 20.19 -10.85
N VAL B 103 17.87 19.61 -11.58
CA VAL B 103 17.00 18.61 -11.01
C VAL B 103 16.89 17.43 -11.97
N VAL B 104 17.30 16.25 -11.48
CA VAL B 104 17.07 14.96 -12.13
C VAL B 104 15.83 14.34 -11.53
N ILE B 105 14.77 14.22 -12.31
CA ILE B 105 13.54 13.63 -11.84
C ILE B 105 13.58 12.15 -12.15
N ALA B 106 13.60 11.33 -11.11
CA ALA B 106 13.73 9.87 -11.25
C ALA B 106 12.34 9.27 -11.12
N ASN B 107 11.76 8.88 -12.26
CA ASN B 107 10.40 8.37 -12.29
C ASN B 107 10.36 7.01 -11.60
N LEU B 108 9.60 6.93 -10.51
CA LEU B 108 9.60 5.75 -9.66
C LEU B 108 8.86 4.57 -10.28
N ASP B 109 8.10 4.79 -11.35
CA ASP B 109 7.46 3.71 -12.08
C ASP B 109 8.31 3.22 -13.23
N GLY B 110 9.51 3.76 -13.41
CA GLY B 110 10.38 3.30 -14.46
C GLY B 110 10.21 3.99 -15.79
N ASP B 111 9.28 4.93 -15.91
CA ASP B 111 9.07 5.66 -17.16
C ASP B 111 10.37 6.31 -17.58
N ARG B 112 10.75 6.12 -18.84
CA ARG B 112 11.99 6.71 -19.36
C ARG B 112 11.78 7.98 -20.14
N THR B 113 10.58 8.58 -20.12
CA THR B 113 10.36 9.89 -20.71
C THR B 113 9.79 10.82 -19.62
N VAL B 114 9.40 12.04 -20.03
CA VAL B 114 8.83 13.01 -19.09
C VAL B 114 7.42 12.57 -18.74
N ASP B 115 7.11 12.50 -17.45
CA ASP B 115 5.73 12.38 -16.96
C ASP B 115 5.45 13.68 -16.21
N LYS B 116 4.71 14.61 -16.85
CA LYS B 116 4.37 15.87 -16.22
C LYS B 116 3.56 15.68 -14.95
N ASN B 117 2.86 14.53 -14.82
CA ASN B 117 2.06 14.23 -13.64
C ASN B 117 2.94 13.94 -12.42
N PHE B 118 4.25 13.76 -12.60
CA PHE B 118 5.18 13.56 -11.51
C PHE B 118 5.99 14.83 -11.17
N ILE B 119 5.83 15.92 -11.89
CA ILE B 119 6.69 17.10 -11.75
C ILE B 119 5.91 18.20 -11.03
N PRO B 120 6.38 18.70 -9.90
CA PRO B 120 5.66 19.76 -9.18
C PRO B 120 5.39 21.00 -10.03
N LYS B 121 4.22 21.55 -9.90
CA LYS B 121 3.80 22.66 -10.73
C LYS B 121 4.74 23.86 -10.73
N PRO B 122 5.42 24.17 -9.61
CA PRO B 122 6.36 25.30 -9.65
C PRO B 122 7.52 25.12 -10.62
N LEU B 123 7.99 23.90 -10.83
CA LEU B 123 9.02 23.65 -11.85
C LEU B 123 8.45 23.79 -13.25
N LEU B 124 7.19 23.38 -13.46
CA LEU B 124 6.59 23.53 -14.77
C LEU B 124 6.26 24.99 -15.06
N ASP B 125 5.71 25.69 -14.06
CA ASP B 125 5.33 27.09 -14.24
C ASP B 125 6.52 27.95 -14.61
N SER B 126 7.66 27.68 -14.00
CA SER B 126 8.84 28.48 -14.24
C SER B 126 9.67 28.01 -15.44
N GLU B 127 9.28 26.91 -16.09
CA GLU B 127 10.03 26.34 -17.21
C GLU B 127 11.46 26.02 -16.80
N HIS B 128 11.61 25.61 -15.54
CA HIS B 128 12.90 25.08 -15.08
C HIS B 128 13.40 23.99 -16.05
N TYR B 129 14.71 24.01 -16.29
CA TYR B 129 15.37 23.00 -17.14
C TYR B 129 15.60 21.76 -16.29
N THR B 130 14.86 20.70 -16.57
CA THR B 130 14.90 19.46 -15.82
C THR B 130 15.18 18.29 -16.75
N VAL B 131 15.61 17.16 -16.20
CA VAL B 131 15.69 15.91 -16.97
C VAL B 131 14.99 14.81 -16.20
N SER B 132 14.17 14.04 -16.90
CA SER B 132 13.46 12.92 -16.34
C SER B 132 14.09 11.63 -16.85
N VAL B 133 14.25 10.67 -15.93
CA VAL B 133 14.92 9.40 -16.21
C VAL B 133 14.20 8.37 -15.37
N SER B 134 14.42 7.09 -15.68
CA SER B 134 13.91 6.03 -14.84
C SER B 134 14.67 5.97 -13.52
N PHE B 135 14.03 5.43 -12.51
CA PHE B 135 14.66 5.25 -11.20
C PHE B 135 15.54 4.02 -11.26
N GLN B 136 16.76 4.22 -11.79
CA GLN B 136 17.77 3.18 -12.00
C GLN B 136 19.12 3.87 -11.77
N PRO B 137 20.03 3.26 -11.01
CA PRO B 137 21.23 4.00 -10.62
C PRO B 137 22.13 4.41 -11.77
N LYS B 138 22.24 3.62 -12.85
CA LYS B 138 23.19 4.02 -13.89
C LYS B 138 22.71 5.26 -14.66
N ILE B 139 21.41 5.38 -14.94
CA ILE B 139 20.95 6.55 -15.71
C ILE B 139 20.95 7.78 -14.80
N ILE B 140 20.66 7.61 -13.51
CA ILE B 140 20.79 8.72 -12.57
C ILE B 140 22.24 9.24 -12.54
N LYS B 141 23.21 8.33 -12.40
CA LYS B 141 24.62 8.75 -12.44
C LYS B 141 24.95 9.46 -13.74
N TYR B 142 24.51 8.90 -14.88
CA TYR B 142 24.75 9.58 -16.15
C TYR B 142 24.18 10.99 -16.14
N ALA B 143 22.98 11.17 -15.58
CA ALA B 143 22.42 12.53 -15.54
C ALA B 143 23.21 13.44 -14.62
N LEU B 144 23.76 12.89 -13.52
CA LEU B 144 24.62 13.70 -12.66
C LEU B 144 25.92 14.10 -13.36
N ASP B 145 26.46 13.22 -14.19
CA ASP B 145 27.72 13.50 -14.88
C ASP B 145 27.55 14.31 -16.15
N ASN B 146 26.32 14.49 -16.63
CA ASN B 146 26.11 15.20 -17.87
C ASN B 146 25.15 16.35 -17.70
N TYR B 147 23.85 16.10 -17.70
CA TYR B 147 22.89 17.18 -17.57
C TYR B 147 23.26 18.14 -16.45
N CYS B 148 23.64 17.61 -15.28
CA CYS B 148 23.85 18.48 -14.13
C CYS B 148 25.10 19.35 -14.28
N VAL B 149 26.08 18.87 -15.06
CA VAL B 149 27.24 19.66 -15.41
C VAL B 149 26.89 20.69 -16.47
N ASN B 150 26.21 20.27 -17.53
CA ASN B 150 25.87 21.17 -18.63
C ASN B 150 24.83 22.19 -18.25
N TYR B 151 24.04 21.91 -17.21
CA TYR B 151 22.96 22.82 -16.85
C TYR B 151 23.43 24.27 -16.71
N TYR B 152 24.53 24.49 -15.99
CA TYR B 152 24.88 25.86 -15.60
C TYR B 152 25.24 26.75 -16.77
N SER B 153 25.49 26.18 -17.97
CA SER B 153 25.81 26.97 -19.15
C SER B 153 24.91 26.64 -20.34
N SER B 154 23.75 26.04 -20.10
CA SER B 154 22.79 25.69 -21.15
C SER B 154 21.75 26.77 -21.27
N SER B 155 21.26 26.95 -22.47
CA SER B 155 20.08 27.76 -22.74
C SER B 155 18.80 26.92 -22.86
N ASN B 156 18.87 25.64 -22.52
CA ASN B 156 17.67 24.82 -22.55
C ASN B 156 16.70 25.22 -21.46
N SER B 157 15.42 24.94 -21.67
CA SER B 157 14.39 25.21 -20.67
C SER B 157 13.27 24.18 -20.81
N GLY B 158 12.56 23.95 -19.71
CA GLY B 158 11.46 23.01 -19.67
C GLY B 158 11.93 21.59 -19.46
N SER B 159 11.01 20.65 -19.69
CA SER B 159 11.28 19.26 -19.35
C SER B 159 12.03 18.55 -20.46
N TYR B 160 13.15 17.92 -20.10
CA TYR B 160 13.96 17.10 -20.99
C TYR B 160 13.98 15.65 -20.53
N LEU B 161 14.47 14.79 -21.42
CA LEU B 161 14.64 13.36 -21.16
C LEU B 161 15.94 12.92 -21.81
N TYR B 162 16.33 11.68 -21.57
CA TYR B 162 17.42 11.16 -22.36
C TYR B 162 16.87 10.16 -23.39
N PRO B 163 17.35 10.21 -24.63
CA PRO B 163 16.83 9.30 -25.67
C PRO B 163 17.27 7.86 -25.46
N THR B 164 16.67 6.96 -26.27
CA THR B 164 16.88 5.53 -26.06
C THR B 164 18.34 5.13 -26.19
N SER B 165 19.10 5.81 -27.06
CA SER B 165 20.50 5.45 -27.24
C SER B 165 21.32 5.58 -25.96
N VAL B 166 21.01 6.53 -25.09
CA VAL B 166 21.74 6.66 -23.84
C VAL B 166 21.51 5.44 -22.94
N TYR B 167 20.26 5.01 -22.80
CA TYR B 167 19.96 3.81 -22.04
C TYR B 167 20.67 2.58 -22.63
N THR B 168 20.66 2.47 -23.96
CA THR B 168 21.26 1.32 -24.62
C THR B 168 22.75 1.25 -24.33
N LYS B 169 23.46 2.36 -24.52
CA LYS B 169 24.90 2.41 -24.29
C LYS B 169 25.28 2.17 -22.82
N LEU B 170 24.37 2.39 -21.89
CA LEU B 170 24.62 2.10 -20.48
C LEU B 170 24.29 0.66 -20.12
N GLY B 171 23.76 -0.11 -21.07
CA GLY B 171 23.32 -1.48 -20.78
C GLY B 171 21.97 -1.60 -20.13
N LEU B 172 21.15 -0.55 -20.18
CA LEU B 172 19.79 -0.59 -19.64
C LEU B 172 18.72 -0.85 -20.69
N LYS C 9 -20.18 8.26 -18.67
CA LYS C 9 -21.14 7.89 -17.64
C LYS C 9 -20.39 7.46 -16.36
N THR C 10 -20.61 6.24 -15.89
CA THR C 10 -20.06 5.79 -14.62
C THR C 10 -18.79 4.98 -14.85
N TYR C 11 -17.73 5.36 -14.17
CA TYR C 11 -16.42 4.73 -14.32
C TYR C 11 -16.10 3.86 -13.11
N VAL C 12 -15.65 2.62 -13.34
CA VAL C 12 -15.27 1.74 -12.23
C VAL C 12 -13.75 1.67 -12.14
N ALA C 13 -13.22 1.89 -10.94
CA ALA C 13 -11.78 1.82 -10.68
C ALA C 13 -11.53 0.86 -9.52
N PHE C 14 -10.47 0.07 -9.65
CA PHE C 14 -10.16 -0.93 -8.64
C PHE C 14 -8.68 -1.29 -8.66
N ALA C 15 -8.16 -1.65 -7.49
CA ALA C 15 -6.82 -2.22 -7.43
C ALA C 15 -6.79 -3.55 -8.18
N SER C 16 -5.68 -3.81 -8.89
CA SER C 16 -5.55 -5.03 -9.67
C SER C 16 -5.84 -6.27 -8.84
N GLU C 17 -5.44 -6.27 -7.56
CA GLU C 17 -5.69 -7.43 -6.71
C GLU C 17 -7.17 -7.78 -6.56
N ASP C 18 -8.08 -6.83 -6.80
CA ASP C 18 -9.49 -7.00 -6.52
C ASP C 18 -10.27 -7.34 -7.77
N ILE C 19 -9.59 -7.81 -8.83
CA ILE C 19 -10.22 -8.04 -10.14
C ILE C 19 -11.40 -8.99 -10.02
N LYS C 20 -11.38 -9.90 -9.03
CA LYS C 20 -12.51 -10.81 -8.81
C LYS C 20 -13.82 -10.06 -8.64
N PHE C 21 -13.78 -8.94 -7.93
CA PHE C 21 -14.98 -8.16 -7.68
C PHE C 21 -15.36 -7.34 -8.89
N TYR C 22 -14.40 -6.89 -9.67
CA TYR C 22 -14.76 -6.26 -10.94
C TYR C 22 -15.54 -7.22 -11.83
N ARG C 23 -15.11 -8.48 -11.90
CA ARG C 23 -15.83 -9.44 -12.75
C ARG C 23 -17.25 -9.65 -12.26
N LEU C 24 -17.49 -9.59 -10.95
CA LEU C 24 -18.85 -9.66 -10.44
C LEU C 24 -19.69 -8.46 -10.91
N MET C 25 -19.09 -7.27 -10.94
CA MET C 25 -19.80 -6.12 -11.48
C MET C 25 -20.06 -6.29 -12.97
N GLU C 26 -19.08 -6.78 -13.71
CA GLU C 26 -19.33 -7.13 -15.11
C GLU C 26 -20.59 -7.97 -15.22
N ALA C 27 -20.76 -8.95 -14.33
CA ALA C 27 -21.94 -9.80 -14.34
C ALA C 27 -23.20 -9.03 -13.96
N TRP C 28 -23.07 -8.03 -13.09
CA TRP C 28 -24.23 -7.18 -12.78
C TRP C 28 -24.64 -6.36 -14.00
N LYS C 29 -23.66 -5.85 -14.74
CA LYS C 29 -23.93 -5.00 -15.91
C LYS C 29 -24.53 -5.82 -17.03
N ALA C 30 -24.09 -7.07 -17.18
CA ALA C 30 -24.64 -7.94 -18.21
C ALA C 30 -26.04 -8.41 -17.84
N ASN C 31 -26.28 -8.68 -16.56
CA ASN C 31 -27.58 -9.18 -16.13
C ASN C 31 -28.68 -8.21 -16.56
N GLU C 32 -29.63 -8.73 -17.33
CA GLU C 32 -30.73 -7.89 -17.83
C GLU C 32 -31.62 -7.43 -16.70
N LYS C 33 -31.75 -8.24 -15.65
CA LYS C 33 -32.71 -7.94 -14.60
C LYS C 33 -32.28 -6.73 -13.79
N ILE C 34 -31.01 -6.68 -13.35
CA ILE C 34 -30.50 -5.53 -12.61
C ILE C 34 -29.91 -4.53 -13.58
N ASP C 35 -30.07 -3.25 -13.26
CA ASP C 35 -29.93 -2.19 -14.26
C ASP C 35 -28.99 -1.11 -13.75
N PHE C 36 -27.69 -1.35 -13.94
CA PHE C 36 -26.74 -0.26 -13.96
C PHE C 36 -25.59 -0.64 -14.89
N ASN C 37 -24.99 0.39 -15.48
CA ASN C 37 -23.96 0.25 -16.49
C ASN C 37 -22.74 1.04 -16.02
N PHE C 38 -21.61 0.82 -16.68
CA PHE C 38 -20.39 1.54 -16.37
C PHE C 38 -19.37 1.25 -17.45
N PHE C 39 -18.28 2.02 -17.44
CA PHE C 39 -17.12 1.71 -18.25
C PHE C 39 -15.90 1.75 -17.35
N ASP C 40 -14.75 1.36 -17.89
CA ASP C 40 -13.54 1.24 -17.09
C ASP C 40 -12.33 1.30 -17.99
N ALA C 41 -11.15 1.08 -17.42
CA ALA C 41 -9.90 1.13 -18.18
C ALA C 41 -9.12 -0.15 -18.06
N HIS C 42 -9.77 -1.25 -17.71
CA HIS C 42 -9.04 -2.50 -17.58
C HIS C 42 -8.36 -2.90 -18.88
N ASP C 43 -8.95 -2.55 -20.03
CA ASP C 43 -8.30 -2.88 -21.30
C ASP C 43 -6.96 -2.19 -21.45
N LEU C 44 -6.81 -0.99 -20.89
CA LEU C 44 -5.54 -0.26 -20.93
C LEU C 44 -4.56 -0.85 -19.92
N PHE C 45 -5.06 -1.29 -18.77
CA PHE C 45 -4.21 -1.95 -17.79
C PHE C 45 -3.57 -3.20 -18.40
N ILE C 46 -4.31 -3.96 -19.19
CA ILE C 46 -3.71 -5.17 -19.71
C ILE C 46 -3.04 -4.94 -21.06
N SER C 47 -2.84 -3.68 -21.45
CA SER C 47 -2.03 -3.35 -22.62
C SER C 47 -0.62 -2.90 -22.22
N ARG C 48 -0.28 -3.00 -20.94
CA ARG C 48 1.05 -2.66 -20.46
C ARG C 48 2.13 -3.58 -21.01
N ASP C 49 1.77 -4.66 -21.72
CA ASP C 49 2.82 -5.47 -22.36
C ASP C 49 3.23 -4.91 -23.72
N THR C 50 2.37 -4.11 -24.35
CA THR C 50 2.61 -3.66 -25.71
C THR C 50 2.55 -2.15 -25.87
N SER C 51 2.36 -1.39 -24.79
CA SER C 51 2.31 0.07 -24.84
C SER C 51 3.24 0.60 -23.76
N LYS C 52 4.03 1.62 -24.09
CA LYS C 52 4.89 2.27 -23.10
C LYS C 52 4.07 2.99 -22.03
N PRO C 53 4.65 3.21 -20.85
CA PRO C 53 3.95 4.00 -19.82
C PRO C 53 3.38 5.30 -20.30
N GLU C 54 4.14 6.05 -21.11
CA GLU C 54 3.65 7.33 -21.61
C GLU C 54 2.34 7.16 -22.36
N THR C 55 2.28 6.09 -23.18
CA THR C 55 1.08 5.81 -23.99
C THR C 55 -0.07 5.39 -23.09
N ILE C 56 0.19 4.48 -22.14
CA ILE C 56 -0.88 4.09 -21.20
C ILE C 56 -1.46 5.33 -20.51
N LYS C 57 -0.58 6.22 -20.06
CA LYS C 57 -1.01 7.41 -19.30
C LYS C 57 -1.87 8.32 -20.15
N ARG C 58 -1.49 8.51 -21.42
CA ARG C 58 -2.28 9.37 -22.31
C ARG C 58 -3.68 8.79 -22.50
N ASN C 59 -3.75 7.48 -22.80
CA ASN C 59 -5.01 6.81 -23.02
C ASN C 59 -5.90 6.82 -21.79
N LEU C 60 -5.29 6.62 -20.61
CA LEU C 60 -6.05 6.70 -19.37
C LEU C 60 -6.64 8.09 -19.14
N ARG C 61 -5.84 9.15 -19.33
CA ARG C 61 -6.35 10.50 -19.20
C ARG C 61 -7.55 10.72 -20.13
N GLU C 62 -7.41 10.33 -21.39
CA GLU C 62 -8.52 10.51 -22.34
C GLU C 62 -9.71 9.62 -22.00
N ARG C 63 -9.46 8.38 -21.56
CA ARG C 63 -10.58 7.54 -21.15
C ARG C 63 -11.39 8.22 -20.05
N MET C 64 -10.70 8.70 -19.02
CA MET C 64 -11.37 9.21 -17.84
C MET C 64 -11.97 10.60 -18.01
N LYS C 65 -11.56 11.36 -19.04
CA LYS C 65 -12.30 12.58 -19.37
C LYS C 65 -13.75 12.28 -19.68
N ASN C 66 -14.06 11.04 -20.13
CA ASN C 66 -15.45 10.66 -20.39
C ASN C 66 -16.27 10.41 -19.14
N ALA C 67 -15.66 10.37 -17.96
CA ALA C 67 -16.38 9.97 -16.75
C ALA C 67 -17.09 11.16 -16.11
N LYS C 68 -18.31 10.90 -15.62
CA LYS C 68 -19.06 11.84 -14.78
C LYS C 68 -18.95 11.53 -13.30
N GLN C 69 -18.86 10.25 -12.93
CA GLN C 69 -18.75 9.85 -11.53
C GLN C 69 -17.97 8.53 -11.49
N VAL C 70 -17.41 8.21 -10.32
CA VAL C 70 -16.56 7.04 -10.16
C VAL C 70 -17.11 6.15 -9.05
N VAL C 71 -17.14 4.84 -9.33
CA VAL C 71 -17.30 3.82 -8.30
C VAL C 71 -15.93 3.20 -8.05
N LEU C 72 -15.40 3.42 -6.86
CA LEU C 72 -14.10 2.89 -6.46
C LEU C 72 -14.33 1.72 -5.51
N LEU C 73 -13.78 0.57 -5.85
CA LEU C 73 -13.91 -0.60 -4.99
C LEU C 73 -12.99 -0.42 -3.79
N GLY C 74 -13.57 -0.63 -2.60
CA GLY C 74 -12.87 -0.28 -1.37
C GLY C 74 -12.32 -1.46 -0.63
N SER C 75 -11.01 -1.50 -0.44
CA SER C 75 -10.34 -2.53 0.31
C SER C 75 -8.97 -2.01 0.73
N GLY C 76 -8.25 -2.84 1.51
CA GLY C 76 -6.90 -2.48 1.87
C GLY C 76 -6.01 -2.32 0.65
N ASN C 77 -6.30 -3.07 -0.41
CA ASN C 77 -5.50 -2.94 -1.63
C ASN C 77 -5.76 -1.60 -2.31
N THR C 78 -6.99 -1.12 -2.26
CA THR C 78 -7.31 0.20 -2.80
C THR C 78 -6.45 1.28 -2.16
N LYS C 79 -6.35 1.24 -0.84
CA LYS C 79 -5.58 2.26 -0.14
C LYS C 79 -4.11 2.16 -0.48
N ARG C 80 -3.57 0.94 -0.46
CA ARG C 80 -2.15 0.75 -0.74
C ARG C 80 -1.80 1.17 -2.15
N LYS C 81 -2.49 0.62 -3.14
CA LYS C 81 -2.12 0.92 -4.52
C LYS C 81 -2.51 2.35 -4.87
N GLY C 82 -3.69 2.78 -4.41
CA GLY C 82 -4.15 4.11 -4.81
C GLY C 82 -3.37 5.24 -4.20
N SER C 83 -2.58 4.95 -3.17
CA SER C 83 -1.80 5.95 -2.46
C SER C 83 -0.33 5.91 -2.84
N ASP C 84 0.12 4.95 -3.67
CA ASP C 84 1.56 4.78 -3.85
C ASP C 84 2.14 5.65 -4.96
N GLY C 85 1.32 6.41 -5.67
CA GLY C 85 1.80 7.38 -6.64
C GLY C 85 2.30 6.82 -7.95
N VAL C 86 2.42 5.51 -8.08
CA VAL C 86 3.03 4.87 -9.25
C VAL C 86 2.18 3.81 -9.87
N SER C 87 1.23 3.20 -9.20
CA SER C 87 0.46 2.11 -9.76
C SER C 87 -0.60 2.64 -10.72
N PHE C 88 -1.20 1.69 -11.47
CA PHE C 88 -2.27 2.05 -12.39
C PHE C 88 -3.41 2.71 -11.64
N LEU C 89 -3.80 2.14 -10.51
CA LEU C 89 -4.87 2.76 -9.74
C LEU C 89 -4.46 4.15 -9.23
N ALA C 90 -3.18 4.32 -8.86
CA ALA C 90 -2.74 5.63 -8.37
C ALA C 90 -2.91 6.66 -9.47
N HIS C 91 -2.72 6.23 -10.72
CA HIS C 91 -2.91 7.14 -11.85
C HIS C 91 -4.36 7.54 -11.98
N GLU C 92 -5.28 6.60 -11.70
CA GLU C 92 -6.71 6.93 -11.75
C GLU C 92 -7.08 7.87 -10.62
N ILE C 93 -6.54 7.62 -9.41
CA ILE C 93 -6.84 8.52 -8.28
C ILE C 93 -6.33 9.93 -8.60
N ASP C 94 -5.16 10.04 -9.21
CA ASP C 94 -4.65 11.37 -9.54
C ASP C 94 -5.63 12.07 -10.47
N LEU C 95 -6.18 11.33 -11.44
CA LEU C 95 -7.11 11.94 -12.39
C LEU C 95 -8.41 12.30 -11.69
N ILE C 96 -8.88 11.46 -10.77
CA ILE C 96 -10.09 11.75 -10.02
C ILE C 96 -9.95 13.08 -9.27
N VAL C 97 -8.79 13.31 -8.67
CA VAL C 97 -8.56 14.57 -7.97
C VAL C 97 -8.55 15.72 -8.94
N GLU C 98 -7.82 15.57 -10.05
CA GLU C 98 -7.67 16.67 -11.00
C GLU C 98 -9.00 17.04 -11.64
N PHE C 99 -9.83 16.06 -11.95
CA PHE C 99 -11.10 16.34 -12.57
C PHE C 99 -12.22 16.55 -11.55
N ASN C 100 -11.88 16.61 -10.25
CA ASN C 100 -12.84 16.57 -9.14
C ASN C 100 -14.05 15.70 -9.48
N LEU C 101 -13.82 14.42 -9.69
CA LEU C 101 -14.94 13.55 -9.92
C LEU C 101 -15.54 13.10 -8.59
N PRO C 102 -16.86 12.96 -8.51
CA PRO C 102 -17.46 12.33 -7.35
C PRO C 102 -17.13 10.85 -7.32
N VAL C 103 -16.96 10.33 -6.11
CA VAL C 103 -16.54 8.94 -5.91
C VAL C 103 -17.48 8.24 -4.94
N VAL C 104 -18.07 7.15 -5.39
CA VAL C 104 -18.73 6.19 -4.51
C VAL C 104 -17.73 5.08 -4.17
N ILE C 105 -17.42 4.95 -2.88
CA ILE C 105 -16.57 3.91 -2.34
C ILE C 105 -17.44 2.69 -1.99
N ALA C 106 -17.25 1.60 -2.70
CA ALA C 106 -18.02 0.37 -2.46
C ALA C 106 -17.14 -0.57 -1.63
N ASN C 107 -17.46 -0.67 -0.33
CA ASN C 107 -16.65 -1.48 0.59
C ASN C 107 -16.85 -2.94 0.29
N LEU C 108 -15.77 -3.62 -0.12
CA LEU C 108 -15.88 -4.98 -0.60
C LEU C 108 -16.19 -5.98 0.50
N ASP C 109 -16.02 -5.63 1.75
CA ASP C 109 -16.35 -6.54 2.84
C ASP C 109 -17.76 -6.34 3.35
N GLY C 110 -18.56 -5.49 2.72
CA GLY C 110 -19.93 -5.25 3.12
C GLY C 110 -20.14 -4.13 4.12
N ASP C 111 -19.07 -3.48 4.57
CA ASP C 111 -19.19 -2.40 5.54
C ASP C 111 -20.05 -1.27 4.99
N ARG C 112 -21.07 -0.89 5.77
CA ARG C 112 -22.00 0.16 5.34
C ARG C 112 -21.66 1.50 5.95
N THR C 113 -20.48 1.62 6.55
CA THR C 113 -20.01 2.88 7.08
C THR C 113 -18.74 3.29 6.35
N VAL C 114 -18.17 4.38 6.80
CA VAL C 114 -16.91 4.86 6.26
C VAL C 114 -15.76 4.05 6.87
N ASP C 115 -14.96 3.42 6.00
CA ASP C 115 -13.71 2.80 6.44
C ASP C 115 -12.56 3.54 5.75
N LYS C 116 -11.90 4.41 6.50
CA LYS C 116 -10.79 5.18 5.97
C LYS C 116 -9.59 4.34 5.57
N ASN C 117 -9.48 3.12 6.09
CA ASN C 117 -8.40 2.24 5.68
C ASN C 117 -8.62 1.68 4.28
N PHE C 118 -9.77 1.97 3.67
CA PHE C 118 -10.06 1.58 2.31
C PHE C 118 -9.93 2.72 1.30
N ILE C 119 -9.67 3.93 1.77
CA ILE C 119 -9.76 5.12 0.94
C ILE C 119 -8.35 5.62 0.64
N PRO C 120 -7.97 5.77 -0.62
CA PRO C 120 -6.64 6.30 -0.94
C PRO C 120 -6.38 7.66 -0.30
N LYS C 121 -5.16 7.79 0.19
CA LYS C 121 -4.78 8.97 0.93
C LYS C 121 -5.03 10.27 0.17
N PRO C 122 -4.81 10.35 -1.14
CA PRO C 122 -5.17 11.59 -1.86
C PRO C 122 -6.62 12.00 -1.72
N LEU C 123 -7.54 11.04 -1.60
CA LEU C 123 -8.94 11.44 -1.45
C LEU C 123 -9.21 11.94 -0.04
N LEU C 124 -8.46 11.46 0.95
CA LEU C 124 -8.59 12.00 2.29
C LEU C 124 -7.96 13.38 2.41
N ASP C 125 -6.70 13.53 1.94
CA ASP C 125 -5.95 14.76 2.16
C ASP C 125 -6.63 15.98 1.52
N SER C 126 -7.14 15.84 0.30
CA SER C 126 -7.82 16.95 -0.35
C SER C 126 -9.28 17.09 0.10
N GLU C 127 -9.71 16.27 1.07
CA GLU C 127 -11.07 16.30 1.61
C GLU C 127 -12.10 16.15 0.49
N HIS C 128 -11.68 15.50 -0.59
CA HIS C 128 -12.59 15.08 -1.63
C HIS C 128 -13.88 14.53 -1.04
N TYR C 129 -14.99 14.86 -1.69
CA TYR C 129 -16.31 14.45 -1.22
C TYR C 129 -16.58 13.03 -1.72
N THR C 130 -16.61 12.08 -0.79
CA THR C 130 -16.86 10.67 -1.08
C THR C 130 -18.07 10.19 -0.28
N VAL C 131 -18.69 9.11 -0.76
CA VAL C 131 -19.73 8.40 0.00
C VAL C 131 -19.38 6.92 0.00
N SER C 132 -19.42 6.30 1.16
CA SER C 132 -19.06 4.90 1.31
C SER C 132 -20.32 4.08 1.51
N VAL C 133 -20.40 2.96 0.79
CA VAL C 133 -21.53 2.04 0.83
C VAL C 133 -20.99 0.62 0.71
N SER C 134 -21.86 -0.32 1.04
CA SER C 134 -21.54 -1.72 0.82
C SER C 134 -21.49 -2.03 -0.67
N PHE C 135 -20.77 -3.11 -0.99
CA PHE C 135 -20.64 -3.63 -2.35
C PHE C 135 -21.90 -4.43 -2.67
N GLN C 136 -22.97 -3.70 -3.03
CA GLN C 136 -24.31 -4.25 -3.36
C GLN C 136 -24.89 -3.34 -4.46
N PRO C 137 -25.47 -3.89 -5.53
CA PRO C 137 -25.86 -3.00 -6.65
C PRO C 137 -26.89 -1.95 -6.29
N LYS C 138 -27.89 -2.30 -5.48
CA LYS C 138 -29.00 -1.39 -5.22
C LYS C 138 -28.50 -0.10 -4.56
N ILE C 139 -27.61 -0.23 -3.56
CA ILE C 139 -27.13 0.95 -2.84
C ILE C 139 -26.10 1.70 -3.64
N ILE C 140 -25.33 1.01 -4.48
CA ILE C 140 -24.40 1.74 -5.37
C ILE C 140 -25.22 2.59 -6.36
N LYS C 141 -26.22 1.98 -7.00
CA LYS C 141 -27.07 2.75 -7.90
C LYS C 141 -27.70 3.93 -7.17
N TYR C 142 -28.13 3.71 -5.92
CA TYR C 142 -28.73 4.78 -5.16
C TYR C 142 -27.74 5.91 -4.93
N ALA C 143 -26.50 5.59 -4.54
CA ALA C 143 -25.51 6.64 -4.34
C ALA C 143 -25.28 7.41 -5.64
N LEU C 144 -25.38 6.75 -6.78
CA LEU C 144 -25.13 7.43 -8.05
C LEU C 144 -26.28 8.34 -8.42
N ASP C 145 -27.52 7.91 -8.17
CA ASP C 145 -28.69 8.71 -8.50
C ASP C 145 -28.99 9.83 -7.52
N ASN C 146 -28.26 9.91 -6.40
CA ASN C 146 -28.52 10.93 -5.39
C ASN C 146 -27.26 11.70 -5.04
N TYR C 147 -26.25 11.00 -4.55
CA TYR C 147 -24.99 11.66 -4.22
C TYR C 147 -24.35 12.25 -5.46
N CYS C 148 -24.25 11.45 -6.54
CA CYS C 148 -23.53 11.91 -7.72
C CYS C 148 -24.28 12.99 -8.49
N VAL C 149 -25.59 13.15 -8.25
CA VAL C 149 -26.32 14.29 -8.80
C VAL C 149 -26.37 15.45 -7.83
N ASN C 150 -25.96 15.25 -6.58
CA ASN C 150 -26.10 16.24 -5.51
C ASN C 150 -27.46 16.94 -5.58
N GLY C 158 -15.81 15.97 2.03
CA GLY C 158 -15.39 14.99 3.02
C GLY C 158 -16.03 13.63 2.83
N SER C 159 -15.88 12.73 3.81
CA SER C 159 -16.28 11.33 3.67
C SER C 159 -17.64 11.09 4.34
N TYR C 160 -18.60 10.64 3.55
CA TYR C 160 -19.97 10.45 4.03
C TYR C 160 -20.41 9.00 3.86
N LEU C 161 -21.54 8.68 4.50
CA LEU C 161 -22.20 7.41 4.33
C LEU C 161 -23.70 7.65 4.24
N TYR C 162 -24.45 6.59 3.96
CA TYR C 162 -25.89 6.60 4.02
C TYR C 162 -26.37 5.85 5.25
N PRO C 163 -27.39 6.34 5.96
CA PRO C 163 -27.82 5.71 7.20
C PRO C 163 -28.61 4.43 6.96
N THR C 164 -28.79 3.68 8.04
CA THR C 164 -29.56 2.44 7.97
C THR C 164 -30.92 2.67 7.32
N SER C 165 -31.55 3.82 7.60
CA SER C 165 -32.83 4.16 6.98
C SER C 165 -32.84 3.83 5.48
N VAL C 166 -31.79 4.27 4.77
CA VAL C 166 -31.76 4.09 3.31
C VAL C 166 -31.69 2.62 2.96
N TYR C 167 -30.79 1.88 3.61
CA TYR C 167 -30.67 0.45 3.31
C TYR C 167 -31.99 -0.26 3.48
N THR C 168 -32.71 0.03 4.56
CA THR C 168 -34.01 -0.59 4.76
C THR C 168 -34.97 -0.25 3.62
N LYS C 169 -35.10 1.05 3.29
CA LYS C 169 -36.01 1.43 2.20
C LYS C 169 -35.74 0.65 0.92
N LEU C 170 -34.47 0.31 0.66
CA LEU C 170 -34.10 -0.37 -0.58
C LEU C 170 -34.29 -1.87 -0.51
N GLY C 171 -34.64 -2.40 0.64
CA GLY C 171 -34.72 -3.83 0.80
C GLY C 171 -33.42 -4.47 1.19
N LEU C 172 -32.51 -3.70 1.78
CA LEU C 172 -31.20 -4.20 2.13
C LEU C 172 -31.04 -4.24 3.65
#